data_3MZY
#
_entry.id   3MZY
#
_cell.length_a   71.761
_cell.length_b   71.761
_cell.length_c   153.623
_cell.angle_alpha   90.000
_cell.angle_beta   90.000
_cell.angle_gamma   120.000
#
_symmetry.space_group_name_H-M   'P 65 2 2'
#
loop_
_entity.id
_entity.type
_entity.pdbx_description
1 polymer 'RNA polymerase sigma-H factor'
2 water water
#
_entity_poly.entity_id   1
_entity_poly.type   'polypeptide(L)'
_entity_poly.pdbx_seq_one_letter_code
;GAEKEDLVQEGILGLLKAIKFYDETKSSFSSFAFLCIRRE(MSE)ISAIRKANTQKH(MSE)VLNEALKTNAILEDSAYF
DDEGHNINNYKSSESNPEEAYLLKEEIEEFKKFSENNFSKFEKEVLTYLIRGYSYREIATILSKNLKSIDNTIQRIRKKS
EEWIKEEENIKR
;
_entity_poly.pdbx_strand_id   A
#
# COMPACT_ATOMS: atom_id res chain seq x y z
N GLU A 5 -10.51 -7.02 6.85
CA GLU A 5 -10.57 -5.91 7.85
C GLU A 5 -9.29 -5.83 8.70
N ASP A 6 -8.97 -6.94 9.39
CA ASP A 6 -7.93 -7.00 10.43
C ASP A 6 -6.55 -6.66 9.88
N LEU A 7 -6.07 -7.52 8.98
CA LEU A 7 -4.76 -7.39 8.35
C LEU A 7 -4.68 -6.21 7.39
N VAL A 8 -5.82 -5.59 7.12
CA VAL A 8 -5.90 -4.45 6.19
C VAL A 8 -5.01 -3.29 6.65
N GLN A 9 -5.03 -2.98 7.94
CA GLN A 9 -4.13 -1.96 8.49
C GLN A 9 -2.67 -2.28 8.15
N GLU A 10 -2.30 -3.54 8.35
CA GLU A 10 -0.93 -3.97 8.12
C GLU A 10 -0.51 -3.85 6.66
N GLY A 11 -1.40 -4.28 5.77
CA GLY A 11 -1.27 -4.10 4.31
C GLY A 11 -0.93 -2.67 3.91
N ILE A 12 -1.75 -1.73 4.38
CA ILE A 12 -1.56 -0.33 4.17
C ILE A 12 -0.21 0.13 4.68
N LEU A 13 0.14 -0.28 5.91
CA LEU A 13 1.43 0.11 6.47
C LEU A 13 2.54 -0.38 5.53
N GLY A 14 2.48 -1.68 5.19
CA GLY A 14 3.40 -2.31 4.24
C GLY A 14 3.57 -1.48 2.98
N LEU A 15 2.45 -1.00 2.43
CA LEU A 15 2.46 -0.21 1.21
C LEU A 15 3.14 1.14 1.40
N LEU A 16 2.77 1.83 2.48
CA LEU A 16 3.36 3.11 2.85
C LEU A 16 4.87 3.01 3.03
N LYS A 17 5.29 1.85 3.56
CA LYS A 17 6.71 1.53 3.70
C LYS A 17 7.32 1.32 2.33
N ALA A 18 6.64 0.53 1.50
CA ALA A 18 7.06 0.32 0.12
C ALA A 18 7.37 1.65 -0.57
N ILE A 19 6.43 2.57 -0.46
CA ILE A 19 6.51 3.87 -1.11
C ILE A 19 7.66 4.73 -0.56
N LYS A 20 7.82 4.73 0.77
CA LYS A 20 8.81 5.56 1.44
C LYS A 20 10.23 5.07 1.18
N PHE A 21 10.39 3.77 0.95
CA PHE A 21 11.72 3.13 0.91
C PHE A 21 12.18 2.59 -0.44
N TYR A 22 11.38 2.79 -1.49
CA TYR A 22 11.65 2.21 -2.80
C TYR A 22 12.96 2.66 -3.48
N ASP A 23 13.75 1.65 -3.85
CA ASP A 23 14.97 1.82 -4.61
C ASP A 23 14.64 1.48 -6.05
N GLU A 24 14.69 2.49 -6.92
CA GLU A 24 14.31 2.34 -8.33
C GLU A 24 15.17 1.30 -9.05
N THR A 25 16.44 1.22 -8.64
CA THR A 25 17.41 0.34 -9.30
C THR A 25 17.34 -1.12 -8.83
N LYS A 26 16.77 -1.35 -7.65
CA LYS A 26 16.77 -2.69 -7.05
C LYS A 26 15.71 -3.64 -7.65
N SER A 27 14.57 -3.12 -8.08
CA SER A 27 13.50 -3.91 -8.71
C SER A 27 12.33 -3.04 -9.16
N SER A 28 11.32 -3.66 -9.76
CA SER A 28 10.07 -2.99 -10.11
C SER A 28 9.32 -2.63 -8.83
N PHE A 29 8.51 -1.59 -8.88
CA PHE A 29 7.83 -1.17 -7.68
C PHE A 29 6.78 -2.20 -7.27
N SER A 30 6.07 -2.75 -8.25
CA SER A 30 5.05 -3.77 -8.02
C SER A 30 5.55 -4.91 -7.14
N SER A 31 6.74 -5.43 -7.44
CA SER A 31 7.27 -6.52 -6.63
C SER A 31 7.79 -6.03 -5.27
N PHE A 32 8.26 -4.79 -5.21
CA PHE A 32 8.72 -4.27 -3.92
C PHE A 32 7.53 -4.08 -2.99
N ALA A 33 6.43 -3.59 -3.54
CA ALA A 33 5.21 -3.40 -2.76
C ALA A 33 4.70 -4.73 -2.23
N PHE A 34 4.70 -5.74 -3.10
CA PHE A 34 4.21 -7.08 -2.80
C PHE A 34 5.03 -7.66 -1.64
N LEU A 35 6.34 -7.53 -1.73
CA LEU A 35 7.25 -7.88 -0.63
C LEU A 35 6.92 -7.20 0.72
N CYS A 36 6.94 -5.85 0.75
CA CYS A 36 6.67 -5.10 1.97
C CYS A 36 5.32 -5.41 2.55
N ILE A 37 4.33 -5.53 1.67
CA ILE A 37 2.96 -5.77 2.11
C ILE A 37 2.79 -7.14 2.77
N ARG A 38 3.43 -8.16 2.22
CA ARG A 38 3.31 -9.47 2.84
C ARG A 38 4.20 -9.60 4.08
N ARG A 39 5.30 -8.86 4.14
CA ARG A 39 6.14 -8.87 5.35
C ARG A 39 5.32 -8.31 6.51
N GLU A 40 4.63 -7.19 6.28
CA GLU A 40 3.77 -6.60 7.30
C GLU A 40 2.63 -7.51 7.73
N MSE A 41 2.00 -8.17 6.78
CA MSE A 41 0.94 -9.12 7.14
C MSE A 41 1.46 -10.26 8.00
O MSE A 41 0.86 -10.63 9.00
CB MSE A 41 0.28 -9.70 5.89
CG MSE A 41 -0.59 -8.72 5.13
SE MSE A 41 -0.85 -9.34 3.30
CE MSE A 41 -1.66 -11.13 3.59
N ILE A 42 2.59 -10.83 7.58
CA ILE A 42 3.21 -11.94 8.28
C ILE A 42 3.75 -11.58 9.67
N SER A 43 4.44 -10.43 9.76
CA SER A 43 4.78 -9.80 11.04
C SER A 43 3.61 -9.79 12.04
N ALA A 44 2.44 -9.42 11.57
CA ALA A 44 1.29 -9.25 12.46
C ALA A 44 0.67 -10.58 12.82
N ILE A 45 0.85 -11.57 11.95
CA ILE A 45 0.43 -12.93 12.28
C ILE A 45 1.44 -13.58 13.23
N ARG A 46 2.74 -13.41 12.97
CA ARG A 46 3.80 -13.94 13.84
C ARG A 46 3.65 -13.36 15.24
N LYS A 47 3.50 -12.03 15.33
CA LYS A 47 3.28 -11.36 16.62
C LYS A 47 2.06 -11.94 17.35
N ALA A 48 0.92 -12.00 16.66
CA ALA A 48 -0.29 -12.58 17.24
C ALA A 48 -0.14 -14.07 17.56
N ASN A 49 0.92 -14.68 17.03
CA ASN A 49 1.22 -16.11 17.26
C ASN A 49 2.08 -16.40 18.49
N THR A 50 3.09 -15.57 18.74
CA THR A 50 3.89 -15.67 19.97
C THR A 50 3.09 -15.13 21.16
N GLN A 51 2.22 -14.15 20.90
CA GLN A 51 1.28 -13.61 21.91
C GLN A 51 0.17 -14.62 22.27
N LYS A 52 -0.11 -15.56 21.37
CA LYS A 52 -1.07 -16.65 21.64
C LYS A 52 -0.38 -18.00 21.76
N GLU A 90 3.66 5.51 21.84
CA GLU A 90 3.42 6.84 21.26
C GLU A 90 3.92 6.92 19.82
N GLU A 91 4.78 5.97 19.43
CA GLU A 91 5.19 5.81 18.05
C GLU A 91 4.03 5.21 17.25
N ALA A 92 3.08 4.62 17.97
CA ALA A 92 1.92 3.94 17.39
C ALA A 92 0.78 4.87 17.01
N TYR A 93 0.63 5.96 17.76
CA TYR A 93 -0.41 6.98 17.47
C TYR A 93 -0.11 7.73 16.20
N LEU A 94 1.17 8.07 15.98
CA LEU A 94 1.57 8.70 14.72
C LEU A 94 1.36 7.76 13.54
N LEU A 95 1.67 6.48 13.73
CA LEU A 95 1.46 5.46 12.70
C LEU A 95 -0.02 5.20 12.43
N LYS A 96 -0.79 4.88 13.47
CA LYS A 96 -2.23 4.68 13.30
C LYS A 96 -2.86 5.85 12.53
N GLU A 97 -2.47 7.07 12.87
CA GLU A 97 -3.01 8.26 12.20
C GLU A 97 -2.61 8.34 10.73
N GLU A 98 -1.36 8.04 10.44
CA GLU A 98 -0.88 8.03 9.06
C GLU A 98 -1.63 6.99 8.22
N ILE A 99 -1.89 5.83 8.80
CA ILE A 99 -2.67 4.81 8.15
C ILE A 99 -4.09 5.31 7.87
N GLU A 100 -4.67 5.99 8.86
CA GLU A 100 -6.00 6.51 8.72
C GLU A 100 -6.07 7.65 7.69
N GLU A 101 -5.12 8.59 7.75
CA GLU A 101 -5.03 9.66 6.75
C GLU A 101 -4.96 9.07 5.33
N PHE A 102 -4.17 8.02 5.15
CA PHE A 102 -4.08 7.38 3.84
C PHE A 102 -5.42 6.78 3.37
N LYS A 103 -6.11 6.08 4.25
CA LYS A 103 -7.39 5.49 3.88
C LYS A 103 -8.34 6.56 3.33
N LYS A 104 -8.40 7.71 4.02
CA LYS A 104 -9.22 8.83 3.58
C LYS A 104 -8.71 9.46 2.30
N PHE A 105 -7.41 9.70 2.21
CA PHE A 105 -6.85 10.26 0.99
C PHE A 105 -7.23 9.38 -0.22
N SER A 106 -7.02 8.07 -0.08
CA SER A 106 -7.31 7.15 -1.16
C SER A 106 -8.82 7.09 -1.47
N GLU A 107 -9.66 6.96 -0.44
CA GLU A 107 -11.11 6.96 -0.65
C GLU A 107 -11.56 8.24 -1.40
N ASN A 108 -11.01 9.38 -1.01
CA ASN A 108 -11.41 10.64 -1.62
C ASN A 108 -10.71 11.04 -2.91
N ASN A 109 -9.66 10.33 -3.32
CA ASN A 109 -8.90 10.79 -4.52
C ASN A 109 -8.58 9.75 -5.57
N PHE A 110 -8.71 8.46 -5.23
CA PHE A 110 -8.48 7.45 -6.26
C PHE A 110 -9.68 7.24 -7.19
N SER A 111 -9.39 6.86 -8.43
CA SER A 111 -10.43 6.38 -9.33
C SER A 111 -11.05 5.07 -8.78
N LYS A 112 -12.17 4.66 -9.35
CA LYS A 112 -12.74 3.34 -9.04
C LYS A 112 -11.73 2.20 -9.36
N PHE A 113 -11.06 2.28 -10.51
CA PHE A 113 -10.02 1.32 -10.92
C PHE A 113 -8.85 1.30 -9.91
N GLU A 114 -8.33 2.46 -9.57
CA GLU A 114 -7.27 2.58 -8.56
C GLU A 114 -7.69 1.98 -7.22
N LYS A 115 -8.93 2.21 -6.82
CA LYS A 115 -9.45 1.62 -5.57
C LYS A 115 -9.58 0.09 -5.64
N GLU A 116 -9.99 -0.41 -6.81
CA GLU A 116 -10.16 -1.85 -6.99
C GLU A 116 -8.80 -2.54 -6.87
N VAL A 117 -7.79 -1.94 -7.47
CA VAL A 117 -6.41 -2.45 -7.42
C VAL A 117 -5.85 -2.39 -6.00
N LEU A 118 -6.02 -1.24 -5.36
CA LEU A 118 -5.57 -1.03 -3.98
C LEU A 118 -6.11 -2.11 -3.05
N THR A 119 -7.41 -2.35 -3.14
CA THR A 119 -8.08 -3.40 -2.35
C THR A 119 -7.30 -4.71 -2.37
N TYR A 120 -6.83 -5.14 -3.53
CA TYR A 120 -6.14 -6.44 -3.58
C TYR A 120 -4.68 -6.34 -3.27
N LEU A 121 -4.10 -5.18 -3.57
CA LEU A 121 -2.72 -4.90 -3.30
C LEU A 121 -2.43 -4.98 -1.81
N ILE A 122 -3.26 -4.30 -1.00
CA ILE A 122 -3.06 -4.29 0.44
C ILE A 122 -3.42 -5.61 1.12
N ARG A 123 -4.05 -6.52 0.38
CA ARG A 123 -4.28 -7.88 0.90
C ARG A 123 -3.22 -8.88 0.39
N GLY A 124 -2.13 -8.36 -0.20
CA GLY A 124 -0.95 -9.18 -0.49
C GLY A 124 -1.02 -10.01 -1.75
N TYR A 125 -1.85 -9.56 -2.70
CA TYR A 125 -1.99 -10.18 -4.00
C TYR A 125 -1.00 -9.54 -4.95
N SER A 126 -0.38 -10.35 -5.82
CA SER A 126 0.63 -9.82 -6.73
C SER A 126 -0.07 -9.15 -7.91
N TYR A 127 0.65 -8.31 -8.64
CA TYR A 127 0.06 -7.60 -9.77
C TYR A 127 -0.50 -8.61 -10.79
N ARG A 128 0.18 -9.73 -10.94
CA ARG A 128 -0.30 -10.79 -11.82
C ARG A 128 -1.61 -11.37 -11.32
N GLU A 129 -1.71 -11.56 -10.02
CA GLU A 129 -2.92 -12.11 -9.44
C GLU A 129 -4.04 -11.10 -9.53
N ILE A 130 -3.71 -9.81 -9.46
CA ILE A 130 -4.70 -8.75 -9.52
C ILE A 130 -5.29 -8.67 -10.94
N ALA A 131 -4.43 -8.78 -11.96
CA ALA A 131 -4.87 -8.89 -13.35
C ALA A 131 -5.92 -9.99 -13.52
N THR A 132 -5.62 -11.16 -12.99
CA THR A 132 -6.53 -12.29 -13.09
C THR A 132 -7.84 -11.97 -12.38
N ILE A 133 -7.74 -11.43 -11.17
CA ILE A 133 -8.93 -11.09 -10.40
C ILE A 133 -9.84 -10.12 -11.15
N LEU A 134 -9.26 -9.06 -11.69
CA LEU A 134 -10.05 -8.00 -12.33
C LEU A 134 -10.28 -8.19 -13.83
N SER A 135 -9.76 -9.29 -14.36
CA SER A 135 -9.78 -9.56 -15.80
C SER A 135 -9.26 -8.33 -16.54
N LYS A 136 -8.08 -7.90 -16.14
CA LYS A 136 -7.40 -6.79 -16.78
C LYS A 136 -6.07 -7.30 -17.22
N ASN A 137 -5.42 -6.63 -18.14
CA ASN A 137 -4.09 -7.08 -18.52
C ASN A 137 -2.98 -6.57 -17.58
N LEU A 138 -1.88 -7.30 -17.52
CA LEU A 138 -0.76 -7.01 -16.62
C LEU A 138 -0.32 -5.55 -16.67
N LYS A 139 -0.12 -5.01 -17.86
CA LYS A 139 0.45 -3.68 -18.04
C LYS A 139 -0.44 -2.66 -17.36
N SER A 140 -1.74 -2.86 -17.54
CA SER A 140 -2.73 -1.95 -17.01
C SER A 140 -2.72 -1.94 -15.48
N ILE A 141 -2.44 -3.09 -14.85
CA ILE A 141 -2.41 -3.18 -13.40
C ILE A 141 -1.15 -2.51 -12.88
N ASP A 142 -0.04 -2.82 -13.56
CA ASP A 142 1.25 -2.29 -13.21
C ASP A 142 1.25 -0.77 -13.22
N ASN A 143 0.61 -0.19 -14.24
CA ASN A 143 0.52 1.25 -14.40
C ASN A 143 -0.36 1.89 -13.35
N THR A 144 -1.37 1.15 -12.89
CA THR A 144 -2.26 1.58 -11.84
C THR A 144 -1.55 1.61 -10.47
N ILE A 145 -0.85 0.54 -10.14
CA ILE A 145 -0.02 0.48 -8.95
C ILE A 145 0.96 1.64 -8.95
N GLN A 146 1.43 2.02 -10.14
CA GLN A 146 2.43 3.03 -10.30
C GLN A 146 1.79 4.42 -10.08
N ARG A 147 0.55 4.58 -10.55
CA ARG A 147 -0.22 5.82 -10.28
C ARG A 147 -0.55 5.94 -8.81
N ILE A 148 -0.91 4.83 -8.17
CA ILE A 148 -1.13 4.82 -6.71
C ILE A 148 0.13 5.31 -5.96
N ARG A 149 1.29 4.82 -6.40
CA ARG A 149 2.59 5.26 -5.88
C ARG A 149 2.84 6.77 -6.02
N LYS A 150 2.83 7.29 -7.25
CA LYS A 150 3.13 8.71 -7.49
C LYS A 150 2.13 9.62 -6.75
N LYS A 151 0.84 9.30 -6.83
CA LYS A 151 -0.19 10.11 -6.18
C LYS A 151 -0.05 10.08 -4.68
N SER A 152 0.35 8.91 -4.17
CA SER A 152 0.61 8.77 -2.73
C SER A 152 1.86 9.53 -2.31
N GLU A 153 2.94 9.40 -3.09
CA GLU A 153 4.17 10.19 -2.89
C GLU A 153 3.86 11.65 -2.72
N GLU A 154 3.13 12.22 -3.70
CA GLU A 154 2.83 13.65 -3.69
C GLU A 154 2.05 14.02 -2.44
N TRP A 155 1.15 13.13 -2.02
CA TRP A 155 0.35 13.37 -0.82
C TRP A 155 1.20 13.36 0.46
N ILE A 156 2.11 12.40 0.56
CA ILE A 156 3.05 12.32 1.68
C ILE A 156 3.90 13.57 1.80
N LYS A 157 4.52 14.01 0.70
CA LYS A 157 5.38 15.20 0.68
C LYS A 157 4.60 16.46 1.09
N GLU A 158 3.37 16.57 0.59
CA GLU A 158 2.48 17.68 0.95
C GLU A 158 2.02 17.64 2.41
N GLU A 159 1.75 16.45 2.95
CA GLU A 159 1.40 16.31 4.36
C GLU A 159 2.58 16.64 5.28
N GLU A 160 3.81 16.37 4.81
CA GLU A 160 5.00 16.62 5.62
C GLU A 160 5.44 18.09 5.55
N ASN A 161 4.79 18.88 4.70
CA ASN A 161 5.18 20.28 4.48
C ASN A 161 4.25 21.31 5.13
N ILE A 162 3.14 20.86 5.68
CA ILE A 162 2.12 21.75 6.27
C ILE A 162 2.64 22.55 7.46
N LYS A 163 2.50 23.87 7.39
CA LYS A 163 2.83 24.76 8.51
C LYS A 163 1.74 25.82 8.70
N ARG A 164 0.52 25.51 8.24
CA ARG A 164 -0.63 26.43 8.16
C ARG A 164 -0.26 27.91 8.07
#